data_5UIR
#
_entry.id   5UIR
#
_cell.length_a   87.695
_cell.length_b   110.859
_cell.length_c   140.491
_cell.angle_alpha   90.00
_cell.angle_beta   90.00
_cell.angle_gamma   90.00
#
_symmetry.space_group_name_H-M   'I 2 2 2'
#
loop_
_entity.id
_entity.type
_entity.pdbx_description
1 polymer 'Interleukin-1 receptor-associated kinase 4'
2 non-polymer 5-(4-cyanophenyl)-3-[(propan-2-yl)oxy]naphthalene-2-carboxamide
3 water water
#
_entity_poly.entity_id   1
_entity_poly.type   'polypeptide(L)'
_entity_poly.pdbx_seq_one_letter_code
;MHHHHHHGGENLYFQGENKSLEVSDTRFHSFSFYELKNVTNNFDERPISVGGNKMGEGGFGVVYKGYVNNTTVAVKKLAA
MVDITTEELKQQFDQEIKVMAKCQHENLVELLGFSSDGDDLCLVYVYMPNGSLLDRLSCLDGTPPLSWHMRCKIAQGAAN
GINFLHENHHIHRDIKSANILLDEAFTAKISDFGLARASEKFAQ(TPO)VM(TPO)(SEP)RIVGTTAYMAPEALRGEIT
PKSDIYSFGVVLLEIITGLPAVDEHREPQLLLDIKEEIEDEEKTIEDYIDKKMNDADSTSVEAMYSVASQCLHEKKNKRP
DIKKVQQLLQEMTAS
;
_entity_poly.pdbx_strand_id   A,B
#
loop_
_chem_comp.id
_chem_comp.type
_chem_comp.name
_chem_comp.formula
8BY non-polymer 5-(4-cyanophenyl)-3-[(propan-2-yl)oxy]naphthalene-2-carboxamide 'C21 H18 N2 O2'
#
# COMPACT_ATOMS: atom_id res chain seq x y z
N PHE A 28 10.72 10.36 -8.41
CA PHE A 28 11.60 10.47 -7.24
C PHE A 28 12.25 11.83 -7.14
N HIS A 29 12.48 12.29 -5.90
CA HIS A 29 13.11 13.57 -5.69
C HIS A 29 14.64 13.49 -5.79
N SER A 30 15.20 14.25 -6.77
CA SER A 30 16.64 14.30 -7.00
C SER A 30 17.26 15.29 -6.02
N PHE A 31 17.68 14.73 -4.88
CA PHE A 31 18.27 15.45 -3.75
C PHE A 31 19.69 15.88 -4.06
N SER A 32 20.20 16.84 -3.27
CA SER A 32 21.58 17.25 -3.43
C SER A 32 22.40 16.41 -2.51
N PHE A 33 23.59 16.00 -3.00
CA PHE A 33 24.62 15.21 -2.33
C PHE A 33 25.12 15.94 -1.05
N TYR A 34 24.53 17.12 -0.75
CA TYR A 34 24.87 18.02 0.35
C TYR A 34 23.72 18.25 1.33
N GLU A 35 22.48 18.42 0.83
CA GLU A 35 21.32 18.60 1.69
C GLU A 35 21.01 17.36 2.56
N LEU A 36 21.64 16.21 2.24
CA LEU A 36 21.48 15.02 3.05
C LEU A 36 22.54 14.94 4.16
N LYS A 37 23.56 15.82 4.10
CA LYS A 37 24.61 15.89 5.11
C LYS A 37 24.11 16.57 6.38
N ASN A 38 23.52 17.77 6.27
CA ASN A 38 23.02 18.50 7.43
C ASN A 38 21.71 17.93 8.01
N VAL A 39 20.99 17.06 7.28
CA VAL A 39 19.79 16.39 7.81
C VAL A 39 20.19 15.23 8.71
N THR A 40 21.33 14.58 8.42
CA THR A 40 21.86 13.42 9.15
C THR A 40 22.98 13.82 10.11
N ASN A 41 23.12 15.15 10.38
CA ASN A 41 24.12 15.79 11.24
C ASN A 41 25.53 15.43 10.79
N ASN A 42 25.89 15.87 9.57
CA ASN A 42 27.17 15.66 8.87
C ASN A 42 27.58 14.17 8.81
N PHE A 43 26.60 13.29 8.50
CA PHE A 43 26.74 11.85 8.38
C PHE A 43 27.41 11.19 9.58
N ASP A 44 26.97 11.56 10.80
CA ASP A 44 27.51 11.00 12.04
C ASP A 44 27.03 9.54 12.20
N GLU A 45 28.01 8.59 12.27
CA GLU A 45 27.78 7.15 12.33
C GLU A 45 27.73 6.54 13.76
N ARG A 46 27.02 7.21 14.68
CA ARG A 46 26.84 6.81 16.08
C ARG A 46 25.37 6.42 16.40
N PRO A 47 25.03 5.78 17.56
CA PRO A 47 23.60 5.47 17.83
C PRO A 47 22.86 6.64 18.48
N GLY A 52 24.24 11.10 17.69
CA GLY A 52 24.19 9.79 17.05
C GLY A 52 23.14 9.67 15.96
N ASN A 53 23.57 9.37 14.71
CA ASN A 53 22.67 9.29 13.55
C ASN A 53 22.85 8.07 12.61
N LYS A 54 23.03 6.85 13.18
CA LYS A 54 23.22 5.62 12.41
C LYS A 54 22.36 4.52 12.97
N MET A 55 21.32 4.17 12.21
CA MET A 55 20.33 3.15 12.55
C MET A 55 20.92 1.78 12.28
N GLY A 56 21.66 1.67 11.17
CA GLY A 56 22.26 0.42 10.74
C GLY A 56 23.37 0.53 9.72
N GLU A 57 23.82 -0.64 9.27
CA GLU A 57 24.94 -0.87 8.35
C GLU A 57 24.84 -2.25 7.73
N GLY A 58 25.24 -2.31 6.46
CA GLY A 58 25.32 -3.51 5.65
C GLY A 58 26.52 -3.41 4.73
N GLY A 59 26.63 -4.36 3.80
CA GLY A 59 27.64 -4.33 2.74
C GLY A 59 27.16 -3.28 1.76
N PHE A 60 28.05 -2.76 0.90
CA PHE A 60 27.67 -1.70 -0.07
C PHE A 60 27.21 -0.32 0.56
N GLY A 61 27.09 -0.20 1.89
CA GLY A 61 26.69 1.08 2.49
C GLY A 61 26.34 1.15 3.97
N VAL A 62 25.93 2.37 4.44
CA VAL A 62 25.55 2.75 5.84
C VAL A 62 24.13 3.42 5.82
N VAL A 63 23.27 3.14 6.84
CA VAL A 63 21.91 3.69 6.98
C VAL A 63 21.79 4.72 8.12
N TYR A 64 21.62 5.99 7.72
CA TYR A 64 21.49 7.16 8.60
C TYR A 64 20.03 7.67 8.71
N LYS A 65 19.67 8.20 9.89
CA LYS A 65 18.35 8.78 10.16
C LYS A 65 18.43 10.30 9.92
N GLY A 66 17.73 10.75 8.88
CA GLY A 66 17.66 12.16 8.48
C GLY A 66 16.28 12.74 8.66
N TYR A 67 16.22 14.07 8.73
CA TYR A 67 14.95 14.74 8.90
C TYR A 67 14.80 15.83 7.83
N VAL A 68 14.08 15.48 6.75
CA VAL A 68 13.79 16.33 5.58
C VAL A 68 12.37 16.90 5.71
N ASN A 69 12.24 18.24 5.75
CA ASN A 69 10.97 18.93 5.89
C ASN A 69 10.36 18.61 7.26
N ASN A 70 9.38 17.68 7.32
CA ASN A 70 8.74 17.23 8.55
C ASN A 70 8.69 15.72 8.54
N THR A 71 9.35 15.16 7.53
CA THR A 71 9.44 13.75 7.27
C THR A 71 10.76 13.19 7.80
N THR A 72 10.68 12.08 8.56
CA THR A 72 11.86 11.34 8.99
C THR A 72 12.13 10.40 7.82
N VAL A 73 13.41 10.25 7.45
CA VAL A 73 13.83 9.42 6.31
C VAL A 73 14.99 8.53 6.68
N ALA A 74 15.30 7.55 5.83
CA ALA A 74 16.45 6.67 5.95
C ALA A 74 17.27 6.98 4.73
N VAL A 75 18.48 7.51 4.95
CA VAL A 75 19.38 7.84 3.87
C VAL A 75 20.46 6.76 3.90
N LYS A 76 20.56 5.97 2.80
CA LYS A 76 21.54 4.90 2.68
C LYS A 76 22.63 5.39 1.75
N LYS A 77 23.74 5.89 2.36
CA LYS A 77 24.90 6.37 1.63
C LYS A 77 25.61 5.11 1.20
N LEU A 78 25.99 5.03 -0.08
CA LEU A 78 26.65 3.82 -0.61
C LEU A 78 28.18 3.85 -0.39
N ALA A 79 28.71 2.75 0.18
CA ALA A 79 30.13 2.55 0.47
C ALA A 79 30.51 1.06 0.39
N ASP A 83 35.72 -5.12 -1.32
CA ASP A 83 35.05 -6.27 -1.91
C ASP A 83 34.50 -5.92 -3.30
N ILE A 84 33.52 -5.01 -3.35
CA ILE A 84 32.84 -4.51 -4.55
C ILE A 84 33.53 -3.23 -5.08
N THR A 85 33.63 -3.08 -6.43
CA THR A 85 34.28 -1.93 -7.06
C THR A 85 33.42 -0.66 -7.02
N THR A 86 33.95 0.47 -7.52
CA THR A 86 33.28 1.76 -7.60
C THR A 86 32.13 1.75 -8.63
N GLU A 87 32.38 1.15 -9.83
CA GLU A 87 31.39 1.05 -10.90
C GLU A 87 30.27 0.06 -10.53
N GLU A 88 30.58 -0.93 -9.68
CA GLU A 88 29.59 -1.91 -9.23
C GLU A 88 28.60 -1.28 -8.26
N LEU A 89 29.00 -0.24 -7.48
CA LEU A 89 28.04 0.41 -6.58
C LEU A 89 27.03 1.18 -7.42
N LYS A 90 27.50 1.83 -8.52
CA LYS A 90 26.70 2.59 -9.46
C LYS A 90 25.66 1.69 -10.14
N GLN A 91 26.05 0.46 -10.54
CA GLN A 91 25.15 -0.52 -11.15
C GLN A 91 24.05 -0.92 -10.17
N GLN A 92 24.39 -1.09 -8.87
CA GLN A 92 23.44 -1.42 -7.81
C GLN A 92 22.56 -0.21 -7.39
N PHE A 93 23.06 1.01 -7.65
CA PHE A 93 22.38 2.28 -7.39
C PHE A 93 21.27 2.43 -8.46
N ASP A 94 21.65 2.27 -9.75
CA ASP A 94 20.73 2.36 -10.88
C ASP A 94 19.69 1.26 -10.89
N GLN A 95 20.04 0.06 -10.40
CA GLN A 95 19.12 -1.09 -10.37
C GLN A 95 18.04 -0.78 -9.37
N GLU A 96 18.44 -0.33 -8.16
CA GLU A 96 17.58 0.08 -7.06
C GLU A 96 16.55 1.10 -7.56
N ILE A 97 16.99 2.14 -8.31
CA ILE A 97 16.14 3.17 -8.89
C ILE A 97 15.15 2.55 -9.88
N LYS A 98 15.68 1.82 -10.88
CA LYS A 98 14.93 1.15 -11.95
C LYS A 98 13.82 0.22 -11.42
N VAL A 99 14.13 -0.58 -10.39
CA VAL A 99 13.17 -1.51 -9.77
C VAL A 99 12.10 -0.74 -9.03
N MET A 100 12.50 0.25 -8.20
CA MET A 100 11.59 1.05 -7.37
C MET A 100 10.67 1.94 -8.17
N ALA A 101 11.07 2.27 -9.40
CA ALA A 101 10.27 3.09 -10.30
C ALA A 101 9.00 2.36 -10.71
N LYS A 102 9.09 1.05 -11.01
CA LYS A 102 7.97 0.22 -11.44
C LYS A 102 7.33 -0.55 -10.29
N CYS A 103 8.10 -0.81 -9.22
CA CYS A 103 7.64 -1.61 -8.12
C CYS A 103 7.16 -0.81 -6.93
N GLN A 104 5.83 -0.72 -6.80
CA GLN A 104 5.16 -0.04 -5.68
C GLN A 104 4.11 -0.97 -5.08
N HIS A 105 4.39 -1.42 -3.85
CA HIS A 105 3.51 -2.34 -3.12
C HIS A 105 3.59 -1.97 -1.63
N GLU A 106 2.52 -2.16 -0.82
CA GLU A 106 2.63 -1.83 0.61
C GLU A 106 3.62 -2.76 1.34
N ASN A 107 4.03 -3.87 0.69
CA ASN A 107 4.98 -4.76 1.34
C ASN A 107 6.38 -4.62 0.76
N LEU A 108 6.66 -3.47 0.11
CA LEU A 108 7.99 -3.10 -0.37
C LEU A 108 8.26 -1.74 0.20
N VAL A 109 9.48 -1.45 0.60
CA VAL A 109 9.79 -0.10 1.12
C VAL A 109 9.72 0.85 -0.05
N GLU A 110 9.42 2.11 0.18
CA GLU A 110 9.37 3.09 -0.89
C GLU A 110 10.64 3.94 -0.92
N LEU A 111 11.13 4.22 -2.12
CA LEU A 111 12.23 5.12 -2.39
C LEU A 111 11.57 6.48 -2.57
N LEU A 112 12.17 7.53 -1.99
CA LEU A 112 11.60 8.85 -2.16
C LEU A 112 12.44 9.58 -3.15
N GLY A 113 13.73 9.26 -3.13
CA GLY A 113 14.72 9.81 -4.02
C GLY A 113 16.11 9.30 -3.76
N PHE A 114 17.08 10.07 -4.27
CA PHE A 114 18.52 9.81 -4.28
C PHE A 114 19.28 11.09 -4.54
N SER A 115 20.62 11.04 -4.58
CA SER A 115 21.47 12.20 -4.88
C SER A 115 22.68 11.87 -5.75
N ASP A 120 30.13 9.88 -5.19
CA ASP A 120 29.31 9.58 -4.03
C ASP A 120 27.82 9.38 -4.39
N LEU A 121 27.18 8.30 -3.83
CA LEU A 121 25.77 7.97 -4.13
C LEU A 121 24.87 7.69 -2.90
N CYS A 122 23.75 8.46 -2.76
CA CYS A 122 22.77 8.30 -1.68
C CYS A 122 21.42 7.77 -2.17
N LEU A 123 20.66 7.11 -1.30
CA LEU A 123 19.33 6.59 -1.59
C LEU A 123 18.46 6.88 -0.38
N VAL A 124 17.41 7.70 -0.56
CA VAL A 124 16.51 8.14 0.50
C VAL A 124 15.20 7.35 0.44
N TYR A 125 14.86 6.70 1.57
CA TYR A 125 13.69 5.83 1.75
C TYR A 125 12.78 6.33 2.82
N VAL A 126 11.54 5.80 2.84
CA VAL A 126 10.57 6.10 3.89
C VAL A 126 11.15 5.43 5.15
N TYR A 127 11.19 6.19 6.26
CA TYR A 127 11.70 5.71 7.53
C TYR A 127 10.78 4.63 8.15
N MET A 128 11.37 3.48 8.49
CA MET A 128 10.70 2.35 9.12
C MET A 128 10.97 2.46 10.63
N PRO A 129 9.96 2.97 11.40
CA PRO A 129 10.15 3.17 12.86
C PRO A 129 10.58 1.95 13.67
N ASN A 130 10.31 0.74 13.16
CA ASN A 130 10.61 -0.51 13.85
C ASN A 130 11.78 -1.31 13.26
N GLY A 131 12.57 -0.67 12.40
CA GLY A 131 13.76 -1.25 11.78
C GLY A 131 13.54 -2.53 11.05
N SER A 132 14.54 -3.41 11.10
CA SER A 132 14.54 -4.71 10.43
C SER A 132 13.96 -5.81 11.33
N LEU A 133 13.45 -6.91 10.70
CA LEU A 133 12.93 -8.07 11.40
C LEU A 133 14.04 -8.73 12.22
N LEU A 134 15.28 -8.69 11.71
CA LEU A 134 16.46 -9.26 12.36
C LEU A 134 16.68 -8.59 13.73
N ASP A 135 16.57 -7.27 13.78
CA ASP A 135 16.79 -6.52 14.99
C ASP A 135 15.70 -6.78 16.02
N ARG A 136 14.47 -6.94 15.55
CA ARG A 136 13.29 -7.20 16.37
C ARG A 136 13.26 -8.61 16.91
N LEU A 137 13.76 -9.55 16.11
CA LEU A 137 13.84 -10.94 16.55
C LEU A 137 14.93 -11.06 17.64
N SER A 138 15.98 -10.22 17.54
CA SER A 138 17.06 -10.20 18.51
C SER A 138 16.77 -9.27 19.68
N CYS A 139 15.69 -8.45 19.58
CA CYS A 139 15.25 -7.44 20.56
C CYS A 139 16.29 -6.37 20.76
N LEU A 140 16.98 -6.00 19.69
CA LEU A 140 18.04 -4.99 19.69
C LEU A 140 17.55 -3.67 20.30
N ASP A 141 18.35 -3.10 21.18
CA ASP A 141 18.06 -1.83 21.90
C ASP A 141 16.86 -1.91 22.88
N GLY A 142 16.53 -3.14 23.26
CA GLY A 142 15.53 -3.46 24.27
C GLY A 142 14.09 -3.44 23.87
N THR A 143 13.80 -3.53 22.58
CA THR A 143 12.41 -3.54 22.08
C THR A 143 11.72 -4.86 22.48
N PRO A 144 10.42 -4.89 22.82
CA PRO A 144 9.80 -6.15 23.25
C PRO A 144 9.84 -7.25 22.20
N PRO A 145 9.91 -8.53 22.62
CA PRO A 145 9.90 -9.61 21.62
C PRO A 145 8.58 -9.62 20.85
N LEU A 146 8.60 -9.77 19.54
CA LEU A 146 7.36 -9.83 18.75
C LEU A 146 6.61 -11.07 19.14
N SER A 147 5.30 -10.94 19.27
CA SER A 147 4.45 -12.07 19.61
C SER A 147 4.34 -12.92 18.37
N TRP A 148 3.81 -14.12 18.52
CA TRP A 148 3.59 -15.06 17.43
C TRP A 148 2.55 -14.52 16.47
N HIS A 149 1.57 -13.79 17.00
CA HIS A 149 0.49 -13.15 16.23
C HIS A 149 1.11 -12.16 15.24
N MET A 150 1.93 -11.21 15.73
CA MET A 150 2.64 -10.26 14.85
C MET A 150 3.57 -11.00 13.88
N ARG A 151 4.27 -12.04 14.39
CA ARG A 151 5.18 -12.89 13.61
C ARG A 151 4.52 -13.59 12.42
N CYS A 152 3.27 -14.00 12.56
CA CYS A 152 2.42 -14.56 11.50
C CYS A 152 2.00 -13.48 10.51
N LYS A 153 1.70 -12.26 11.01
CA LYS A 153 1.30 -11.17 10.09
C LYS A 153 2.48 -10.71 9.21
N ILE A 154 3.72 -10.68 9.79
CA ILE A 154 4.98 -10.31 9.11
C ILE A 154 5.37 -11.33 8.01
N ALA A 155 5.22 -12.61 8.33
CA ALA A 155 5.46 -13.71 7.41
C ALA A 155 4.54 -13.53 6.19
N GLN A 156 3.22 -13.24 6.44
CA GLN A 156 2.25 -13.03 5.35
C GLN A 156 2.58 -11.78 4.53
N GLY A 157 2.96 -10.70 5.22
CA GLY A 157 3.38 -9.43 4.63
C GLY A 157 4.55 -9.60 3.71
N ALA A 158 5.64 -10.24 4.21
CA ALA A 158 6.88 -10.52 3.47
C ALA A 158 6.63 -11.34 2.20
N ALA A 159 5.83 -12.44 2.34
CA ALA A 159 5.38 -13.31 1.25
C ALA A 159 4.60 -12.53 0.19
N ASN A 160 3.70 -11.57 0.61
CA ASN A 160 2.96 -10.72 -0.33
C ASN A 160 3.96 -9.86 -1.12
N GLY A 161 4.92 -9.25 -0.41
CA GLY A 161 5.99 -8.46 -1.00
C GLY A 161 6.77 -9.22 -2.05
N ILE A 162 7.21 -10.46 -1.70
CA ILE A 162 7.92 -11.34 -2.63
C ILE A 162 7.00 -11.67 -3.82
N ASN A 163 5.71 -11.99 -3.55
CA ASN A 163 4.74 -12.31 -4.59
C ASN A 163 4.63 -11.21 -5.63
N PHE A 164 4.51 -9.94 -5.20
CA PHE A 164 4.48 -8.81 -6.11
C PHE A 164 5.76 -8.81 -6.99
N LEU A 165 6.94 -8.99 -6.36
CA LEU A 165 8.21 -9.03 -7.06
C LEU A 165 8.29 -10.13 -8.17
N HIS A 166 7.85 -11.35 -7.85
CA HIS A 166 7.84 -12.48 -8.78
C HIS A 166 6.75 -12.33 -9.84
N GLU A 167 5.59 -11.77 -9.46
CA GLU A 167 4.45 -11.49 -10.35
C GLU A 167 4.92 -10.52 -11.45
N ASN A 168 5.79 -9.58 -11.05
CA ASN A 168 6.39 -8.56 -11.90
C ASN A 168 7.75 -8.97 -12.45
N HIS A 169 8.04 -10.28 -12.45
CA HIS A 169 9.26 -10.91 -13.00
C HIS A 169 10.56 -10.30 -12.48
N HIS A 170 10.68 -10.20 -11.16
CA HIS A 170 11.87 -9.71 -10.48
C HIS A 170 12.35 -10.75 -9.47
N ILE A 171 13.66 -11.03 -9.50
CA ILE A 171 14.29 -11.91 -8.52
C ILE A 171 15.02 -10.93 -7.59
N HIS A 172 14.69 -10.98 -6.28
CA HIS A 172 15.27 -10.10 -5.26
C HIS A 172 16.77 -10.34 -5.14
N ARG A 173 17.15 -11.61 -4.97
CA ARG A 173 18.50 -12.14 -4.88
C ARG A 173 19.23 -11.97 -3.54
N ASP A 174 18.56 -11.38 -2.51
CA ASP A 174 19.11 -11.21 -1.14
C ASP A 174 18.00 -11.11 -0.06
N ILE A 175 17.05 -12.08 -0.10
CA ILE A 175 15.96 -12.17 0.88
C ILE A 175 16.54 -12.65 2.20
N LYS A 176 16.38 -11.82 3.26
CA LYS A 176 16.90 -12.09 4.60
C LYS A 176 16.19 -11.18 5.55
N SER A 177 16.11 -11.58 6.85
CA SER A 177 15.45 -10.77 7.84
C SER A 177 16.02 -9.34 7.98
N ALA A 178 17.33 -9.08 7.73
CA ALA A 178 17.83 -7.69 7.81
C ALA A 178 17.17 -6.80 6.75
N ASN A 179 16.83 -7.37 5.58
CA ASN A 179 16.18 -6.71 4.44
C ASN A 179 14.63 -6.65 4.55
N ILE A 180 14.03 -7.31 5.56
CA ILE A 180 12.58 -7.21 5.77
C ILE A 180 12.40 -6.15 6.87
N LEU A 181 11.94 -4.97 6.45
CA LEU A 181 11.75 -3.79 7.30
C LEU A 181 10.35 -3.73 7.90
N LEU A 182 10.19 -2.96 9.00
CA LEU A 182 8.91 -2.89 9.71
C LEU A 182 8.45 -1.44 10.01
N ASP A 183 7.25 -1.07 9.51
CA ASP A 183 6.69 0.28 9.73
C ASP A 183 6.13 0.43 11.15
N GLU A 184 5.52 1.57 11.47
CA GLU A 184 4.96 1.79 12.80
C GLU A 184 3.86 0.75 13.18
N ALA A 185 3.15 0.15 12.20
CA ALA A 185 2.11 -0.85 12.45
C ALA A 185 2.64 -2.28 12.31
N PHE A 186 3.99 -2.42 12.21
CA PHE A 186 4.75 -3.67 12.04
C PHE A 186 4.41 -4.39 10.72
N THR A 187 4.08 -3.61 9.67
CA THR A 187 3.81 -4.11 8.33
C THR A 187 5.19 -4.42 7.74
N ALA A 188 5.34 -5.64 7.20
CA ALA A 188 6.60 -6.09 6.62
C ALA A 188 6.80 -5.43 5.28
N LYS A 189 7.93 -4.74 5.13
CA LYS A 189 8.26 -4.09 3.86
C LYS A 189 9.62 -4.59 3.41
N ILE A 190 9.67 -5.40 2.31
CA ILE A 190 10.91 -5.93 1.72
C ILE A 190 11.76 -4.77 1.15
N SER A 191 13.08 -4.83 1.33
CA SER A 191 13.99 -3.78 0.90
C SER A 191 15.25 -4.33 0.23
N ASP A 192 16.07 -3.46 -0.39
CA ASP A 192 17.33 -3.71 -1.09
C ASP A 192 17.14 -4.47 -2.42
N PHE A 193 17.01 -3.68 -3.49
CA PHE A 193 16.81 -4.13 -4.86
C PHE A 193 18.04 -3.82 -5.76
N GLY A 194 19.20 -3.63 -5.12
CA GLY A 194 20.48 -3.36 -5.78
C GLY A 194 21.03 -4.57 -6.51
N LEU A 195 20.82 -5.78 -5.89
CA LEU A 195 21.22 -7.07 -6.41
C LEU A 195 20.13 -7.70 -7.29
N ALA A 196 18.91 -7.15 -7.25
CA ALA A 196 17.76 -7.66 -8.00
C ALA A 196 17.96 -7.79 -9.51
N ARG A 197 17.33 -8.80 -10.11
CA ARG A 197 17.38 -9.04 -11.56
C ARG A 197 15.99 -9.20 -12.18
N ALA A 198 15.78 -8.65 -13.37
CA ALA A 198 14.51 -8.77 -14.08
C ALA A 198 14.46 -10.13 -14.77
N MET A 207 22.60 -17.92 -15.07
CA MET A 207 23.98 -18.07 -14.59
C MET A 207 24.79 -16.75 -14.60
N TPO A 208 25.49 -16.47 -13.47
CA TPO A 208 26.34 -15.30 -13.26
CB TPO A 208 25.75 -14.25 -12.24
CG2 TPO A 208 25.62 -14.81 -10.79
OG1 TPO A 208 26.47 -12.97 -12.17
P TPO A 208 26.34 -11.96 -13.34
O1P TPO A 208 26.57 -10.55 -12.80
O2P TPO A 208 24.99 -11.99 -14.10
O3P TPO A 208 27.45 -12.19 -14.37
C TPO A 208 27.79 -15.64 -12.85
O TPO A 208 28.03 -16.68 -12.24
N SEP A 209 28.72 -14.72 -13.14
CA SEP A 209 30.15 -14.80 -12.81
CB SEP A 209 31.00 -13.97 -13.78
OG SEP A 209 30.23 -13.29 -14.79
C SEP A 209 30.42 -14.19 -11.43
O SEP A 209 31.36 -14.62 -10.75
P SEP A 209 31.12 -13.00 -16.00
O1P SEP A 209 30.26 -12.49 -17.17
O2P SEP A 209 31.94 -14.25 -16.43
O3P SEP A 209 32.05 -11.81 -15.68
N ARG A 210 29.62 -13.18 -11.03
CA ARG A 210 29.71 -12.46 -9.76
C ARG A 210 28.64 -13.01 -8.80
N ILE A 211 28.99 -14.04 -7.98
CA ILE A 211 28.09 -14.64 -6.99
C ILE A 211 27.97 -13.67 -5.81
N VAL A 212 26.74 -13.19 -5.57
CA VAL A 212 26.44 -12.21 -4.53
C VAL A 212 25.23 -12.61 -3.69
N GLY A 213 25.24 -12.18 -2.42
CA GLY A 213 24.21 -12.46 -1.42
C GLY A 213 24.76 -12.82 -0.04
N THR A 214 23.85 -13.21 0.87
CA THR A 214 24.20 -13.61 2.24
C THR A 214 24.20 -15.13 2.33
N THR A 215 25.39 -15.68 2.53
CA THR A 215 25.69 -17.11 2.56
C THR A 215 24.76 -17.97 3.42
N ALA A 216 24.47 -17.52 4.65
CA ALA A 216 23.64 -18.26 5.60
C ALA A 216 22.19 -18.44 5.14
N TYR A 217 21.74 -17.58 4.21
CA TYR A 217 20.40 -17.51 3.64
C TYR A 217 20.31 -18.06 2.22
N MET A 218 21.46 -18.27 1.55
CA MET A 218 21.52 -18.64 0.15
C MET A 218 21.17 -20.06 -0.15
N ALA A 219 20.58 -20.26 -1.34
CA ALA A 219 20.20 -21.56 -1.87
C ALA A 219 21.43 -22.21 -2.50
N PRO A 220 21.50 -23.56 -2.58
CA PRO A 220 22.68 -24.18 -3.21
C PRO A 220 22.98 -23.63 -4.62
N GLU A 221 21.95 -23.56 -5.49
CA GLU A 221 22.13 -23.07 -6.86
C GLU A 221 22.56 -21.61 -6.92
N ALA A 222 22.13 -20.80 -5.93
CA ALA A 222 22.48 -19.37 -5.83
C ALA A 222 24.00 -19.20 -5.58
N LEU A 223 24.54 -20.08 -4.71
CA LEU A 223 25.94 -20.13 -4.30
C LEU A 223 26.77 -20.56 -5.45
N ARG A 224 26.15 -21.28 -6.41
CA ARG A 224 26.81 -21.76 -7.62
C ARG A 224 26.67 -20.74 -8.78
N GLY A 225 25.97 -19.64 -8.53
CA GLY A 225 25.80 -18.59 -9.53
C GLY A 225 24.54 -18.64 -10.38
N GLU A 226 23.57 -19.51 -10.02
CA GLU A 226 22.30 -19.57 -10.73
C GLU A 226 21.41 -18.43 -10.22
N ILE A 227 20.67 -17.79 -11.14
CA ILE A 227 19.72 -16.72 -10.87
C ILE A 227 18.33 -17.23 -11.28
N THR A 228 17.52 -17.58 -10.29
CA THR A 228 16.16 -18.06 -10.43
C THR A 228 15.31 -17.55 -9.24
N PRO A 229 14.00 -17.23 -9.45
CA PRO A 229 13.16 -16.84 -8.30
C PRO A 229 13.03 -17.96 -7.25
N LYS A 230 13.31 -19.22 -7.64
CA LYS A 230 13.27 -20.38 -6.73
C LYS A 230 14.29 -20.22 -5.60
N SER A 231 15.36 -19.42 -5.84
CA SER A 231 16.39 -19.08 -4.85
C SER A 231 15.80 -18.23 -3.76
N ASP A 232 14.89 -17.31 -4.11
CA ASP A 232 14.18 -16.40 -3.20
C ASP A 232 13.33 -17.17 -2.22
N ILE A 233 12.64 -18.24 -2.70
CA ILE A 233 11.81 -19.16 -1.90
C ILE A 233 12.64 -19.78 -0.78
N TYR A 234 13.82 -20.35 -1.15
CA TYR A 234 14.78 -20.96 -0.23
C TYR A 234 15.16 -20.01 0.89
N SER A 235 15.53 -18.75 0.53
CA SER A 235 15.93 -17.70 1.47
C SER A 235 14.76 -17.31 2.41
N PHE A 236 13.55 -17.27 1.85
CA PHE A 236 12.36 -16.97 2.63
C PHE A 236 12.11 -18.09 3.69
N GLY A 237 12.43 -19.35 3.34
CA GLY A 237 12.36 -20.48 4.26
C GLY A 237 13.31 -20.34 5.44
N VAL A 238 14.47 -19.66 5.23
CA VAL A 238 15.47 -19.38 6.27
C VAL A 238 14.86 -18.33 7.21
N VAL A 239 14.24 -17.30 6.62
CA VAL A 239 13.56 -16.23 7.35
C VAL A 239 12.49 -16.85 8.20
N LEU A 240 11.64 -17.75 7.61
CA LEU A 240 10.60 -18.47 8.35
C LEU A 240 11.16 -19.20 9.55
N LEU A 241 12.33 -19.85 9.40
CA LEU A 241 13.03 -20.50 10.53
C LEU A 241 13.50 -19.49 11.58
N GLU A 242 13.99 -18.27 11.16
CA GLU A 242 14.40 -17.23 12.12
C GLU A 242 13.13 -16.72 12.88
N ILE A 243 12.00 -16.58 12.15
CA ILE A 243 10.73 -16.14 12.73
C ILE A 243 10.27 -17.15 13.82
N ILE A 244 10.37 -18.47 13.54
CA ILE A 244 9.92 -19.46 14.52
C ILE A 244 10.83 -19.53 15.76
N THR A 245 12.14 -19.52 15.55
CA THR A 245 13.15 -19.71 16.59
C THR A 245 13.72 -18.46 17.26
N GLY A 246 13.62 -17.30 16.61
CA GLY A 246 14.22 -16.07 17.11
C GLY A 246 15.74 -16.17 17.07
N LEU A 247 16.24 -17.20 16.35
CA LEU A 247 17.63 -17.52 16.16
C LEU A 247 18.12 -16.89 14.87
N PRO A 248 19.29 -16.23 14.88
CA PRO A 248 19.80 -15.66 13.62
C PRO A 248 20.36 -16.78 12.71
N ALA A 249 20.27 -16.59 11.37
CA ALA A 249 20.70 -17.57 10.36
C ALA A 249 22.14 -18.07 10.60
N VAL A 250 23.02 -17.17 11.05
CA VAL A 250 24.39 -17.44 11.43
C VAL A 250 24.69 -16.96 12.86
N ASP A 251 25.35 -17.84 13.61
CA ASP A 251 25.89 -17.55 14.92
C ASP A 251 27.24 -18.26 15.02
N GLU A 252 28.30 -17.43 15.18
CA GLU A 252 29.71 -17.80 15.35
C GLU A 252 29.87 -18.67 16.60
N HIS A 253 29.29 -18.23 17.72
CA HIS A 253 29.37 -18.92 19.01
C HIS A 253 28.16 -19.82 19.27
N ARG A 254 27.85 -20.75 18.32
CA ARG A 254 26.71 -21.67 18.41
C ARG A 254 26.90 -22.88 17.51
N GLU A 255 26.45 -24.06 17.99
CA GLU A 255 26.50 -25.32 17.23
C GLU A 255 25.05 -25.85 17.08
N PRO A 256 24.46 -25.92 15.86
CA PRO A 256 25.03 -25.57 14.56
C PRO A 256 25.13 -24.05 14.35
N GLN A 257 26.16 -23.63 13.58
CA GLN A 257 26.43 -22.23 13.25
C GLN A 257 25.36 -21.75 12.26
N LEU A 258 24.85 -22.67 11.41
CA LEU A 258 23.83 -22.40 10.39
C LEU A 258 22.47 -22.95 10.75
N LEU A 259 21.52 -22.01 10.95
CA LEU A 259 20.14 -22.26 11.30
C LEU A 259 19.48 -23.32 10.44
N LEU A 260 19.64 -23.24 9.09
CA LEU A 260 19.05 -24.21 8.17
C LEU A 260 19.50 -25.65 8.47
N ASP A 261 20.61 -25.85 9.24
CA ASP A 261 21.02 -27.19 9.68
C ASP A 261 20.07 -27.80 10.73
N ILE A 262 19.08 -27.01 11.25
CA ILE A 262 18.10 -27.55 12.19
C ILE A 262 17.05 -28.32 11.41
N LYS A 263 16.91 -28.00 10.09
CA LYS A 263 15.96 -28.71 9.24
C LYS A 263 16.37 -30.18 9.28
N GLU A 264 17.70 -30.42 9.27
CA GLU A 264 18.26 -31.76 9.32
C GLU A 264 18.16 -32.36 10.69
N GLU A 265 18.55 -31.57 11.73
CA GLU A 265 18.49 -31.97 13.14
C GLU A 265 17.10 -32.45 13.52
N ILE A 266 16.04 -31.68 13.16
CA ILE A 266 14.65 -32.06 13.48
C ILE A 266 14.19 -33.20 12.54
N GLU A 267 14.61 -33.21 11.25
CA GLU A 267 14.26 -34.27 10.30
C GLU A 267 14.88 -35.64 10.64
N ASP A 268 15.87 -35.68 11.56
CA ASP A 268 16.52 -36.92 12.00
C ASP A 268 16.01 -37.37 13.37
N GLU A 269 16.09 -36.48 14.40
CA GLU A 269 15.67 -36.78 15.76
C GLU A 269 14.13 -36.93 15.91
N ILE A 273 11.54 -29.51 16.86
CA ILE A 273 10.84 -28.33 16.33
C ILE A 273 10.25 -27.53 17.50
N GLU A 274 9.43 -28.19 18.34
CA GLU A 274 8.93 -27.65 19.60
C GLU A 274 10.15 -27.16 20.40
N ASP A 275 11.24 -27.97 20.43
CA ASP A 275 12.51 -27.67 21.10
C ASP A 275 13.17 -26.37 20.60
N TYR A 276 12.84 -25.94 19.38
CA TYR A 276 13.42 -24.76 18.75
C TYR A 276 12.52 -23.52 18.78
N ILE A 277 11.20 -23.64 19.06
CA ILE A 277 10.27 -22.49 19.11
C ILE A 277 10.86 -21.42 20.03
N ASP A 278 10.90 -20.16 19.56
CA ASP A 278 11.41 -19.04 20.33
C ASP A 278 10.63 -18.93 21.62
N LYS A 279 11.35 -19.10 22.77
CA LYS A 279 10.81 -19.04 24.13
C LYS A 279 10.37 -17.64 24.55
N LYS A 280 10.76 -16.58 23.80
CA LYS A 280 10.35 -15.20 24.12
C LYS A 280 8.93 -14.92 23.54
N MET A 281 8.08 -15.96 23.52
CA MET A 281 6.70 -15.92 23.04
C MET A 281 5.85 -16.70 24.02
N ASN A 282 4.66 -16.18 24.32
CA ASN A 282 3.68 -16.80 25.21
C ASN A 282 2.38 -17.18 24.47
N ASP A 283 2.20 -16.65 23.22
CA ASP A 283 0.99 -16.81 22.39
C ASP A 283 1.12 -17.78 21.19
N ALA A 284 2.26 -18.48 21.02
CA ALA A 284 2.45 -19.45 19.92
C ALA A 284 1.68 -20.76 20.18
N ASP A 285 1.32 -21.49 19.11
CA ASP A 285 0.66 -22.79 19.31
C ASP A 285 1.24 -23.83 18.40
N SER A 286 1.26 -25.08 18.90
CA SER A 286 1.79 -26.22 18.17
C SER A 286 1.34 -26.29 16.71
N THR A 287 0.02 -26.14 16.44
CA THR A 287 -0.53 -26.26 15.10
C THR A 287 -0.03 -25.13 14.17
N SER A 288 -0.14 -23.85 14.57
CA SER A 288 0.33 -22.75 13.71
C SER A 288 1.84 -22.77 13.55
N VAL A 289 2.59 -23.09 14.61
CA VAL A 289 4.05 -23.23 14.55
C VAL A 289 4.44 -24.35 13.57
N GLU A 290 3.79 -25.54 13.70
CA GLU A 290 4.00 -26.70 12.83
C GLU A 290 3.60 -26.38 11.38
N ALA A 291 2.55 -25.56 11.19
CA ALA A 291 2.11 -25.13 9.88
C ALA A 291 3.12 -24.16 9.24
N MET A 292 3.73 -23.21 10.03
CA MET A 292 4.76 -22.31 9.48
C MET A 292 6.04 -23.11 9.15
N TYR A 293 6.43 -24.06 10.05
CA TYR A 293 7.60 -24.92 9.83
C TYR A 293 7.46 -25.73 8.55
N SER A 294 6.30 -26.35 8.33
CA SER A 294 6.01 -27.12 7.12
C SER A 294 6.27 -26.27 5.86
N VAL A 295 5.91 -25.00 5.87
CA VAL A 295 6.16 -24.09 4.75
C VAL A 295 7.67 -23.88 4.58
N ALA A 296 8.40 -23.58 5.70
CA ALA A 296 9.86 -23.38 5.73
C ALA A 296 10.58 -24.61 5.20
N SER A 297 10.14 -25.82 5.62
CA SER A 297 10.69 -27.10 5.20
C SER A 297 10.53 -27.28 3.68
N GLN A 298 9.35 -26.94 3.15
CA GLN A 298 9.04 -27.00 1.71
C GLN A 298 9.89 -25.97 0.98
N CYS A 299 10.08 -24.78 1.58
CA CYS A 299 10.89 -23.73 0.98
C CYS A 299 12.33 -24.09 0.91
N LEU A 300 12.79 -24.87 1.91
CA LEU A 300 14.19 -25.25 2.08
C LEU A 300 14.60 -26.56 1.36
N HIS A 301 13.73 -27.01 0.44
CA HIS A 301 13.97 -28.17 -0.42
C HIS A 301 15.27 -27.91 -1.16
N GLU A 302 16.27 -28.82 -1.04
CA GLU A 302 17.60 -28.72 -1.68
C GLU A 302 17.52 -28.53 -3.19
N LYS A 303 16.54 -29.20 -3.83
CA LYS A 303 16.27 -29.14 -5.27
C LYS A 303 15.21 -28.09 -5.61
N LYS A 304 15.67 -26.96 -6.16
CA LYS A 304 14.89 -25.77 -6.55
C LYS A 304 13.50 -26.06 -7.17
N ASN A 305 13.42 -27.02 -8.09
CA ASN A 305 12.17 -27.38 -8.77
C ASN A 305 11.14 -28.10 -7.87
N LYS A 306 11.57 -28.65 -6.72
CA LYS A 306 10.67 -29.34 -5.80
C LYS A 306 10.04 -28.35 -4.81
N ARG A 307 10.67 -27.17 -4.67
CA ARG A 307 10.24 -26.07 -3.82
C ARG A 307 8.91 -25.47 -4.33
N PRO A 308 8.04 -24.90 -3.44
CA PRO A 308 6.82 -24.28 -3.96
C PRO A 308 7.07 -22.87 -4.49
N ASP A 309 6.19 -22.38 -5.39
CA ASP A 309 6.27 -21.01 -5.89
C ASP A 309 5.73 -20.05 -4.79
N ILE A 310 6.06 -18.75 -4.88
CA ILE A 310 5.63 -17.75 -3.90
C ILE A 310 4.10 -17.74 -3.69
N LYS A 311 3.34 -17.94 -4.78
CA LYS A 311 1.87 -18.00 -4.72
C LYS A 311 1.41 -19.10 -3.76
N LYS A 312 2.06 -20.31 -3.82
CA LYS A 312 1.77 -21.44 -2.94
C LYS A 312 2.16 -21.12 -1.50
N VAL A 313 3.37 -20.55 -1.29
CA VAL A 313 3.88 -20.14 0.02
C VAL A 313 2.85 -19.20 0.64
N GLN A 314 2.46 -18.13 -0.10
CA GLN A 314 1.49 -17.09 0.26
C GLN A 314 0.20 -17.74 0.73
N GLN A 315 -0.36 -18.65 -0.09
CA GLN A 315 -1.56 -19.44 0.14
C GLN A 315 -1.45 -20.27 1.42
N LEU A 316 -0.32 -20.98 1.59
CA LEU A 316 -0.08 -21.81 2.75
C LEU A 316 0.00 -21.00 4.08
N LEU A 317 0.57 -19.78 4.00
CA LEU A 317 0.67 -18.87 5.14
C LEU A 317 -0.70 -18.25 5.45
N GLN A 318 -1.58 -18.12 4.46
CA GLN A 318 -2.93 -17.60 4.69
C GLN A 318 -3.79 -18.68 5.34
N GLU A 319 -3.60 -19.96 4.92
CA GLU A 319 -4.28 -21.16 5.46
C GLU A 319 -3.95 -21.36 6.96
N MET A 320 -2.84 -20.73 7.44
CA MET A 320 -2.37 -20.74 8.83
C MET A 320 -3.35 -20.06 9.78
N THR A 321 -3.95 -18.92 9.33
CA THR A 321 -4.89 -18.08 10.07
C THR A 321 -6.31 -18.17 9.48
N ARG B 27 -16.35 -8.34 -23.82
CA ARG B 27 -15.45 -7.41 -23.11
C ARG B 27 -15.26 -7.79 -21.63
N PHE B 28 -16.37 -7.89 -20.88
CA PHE B 28 -16.48 -8.24 -19.46
C PHE B 28 -16.99 -9.66 -19.32
N HIS B 29 -16.64 -10.35 -18.24
CA HIS B 29 -17.12 -11.72 -18.05
C HIS B 29 -18.53 -11.77 -17.45
N SER B 30 -19.47 -12.36 -18.18
CA SER B 30 -20.86 -12.51 -17.75
C SER B 30 -20.99 -13.75 -16.85
N PHE B 31 -21.12 -13.53 -15.53
CA PHE B 31 -21.26 -14.56 -14.51
C PHE B 31 -22.73 -14.93 -14.23
N SER B 32 -22.97 -16.07 -13.55
CA SER B 32 -24.30 -16.52 -13.15
C SER B 32 -24.51 -16.18 -11.68
N PHE B 33 -25.78 -15.87 -11.29
CA PHE B 33 -26.15 -15.50 -9.92
C PHE B 33 -25.80 -16.60 -8.88
N TYR B 34 -25.92 -17.89 -9.28
CA TYR B 34 -25.60 -19.06 -8.45
C TYR B 34 -24.12 -19.06 -8.05
N GLU B 35 -23.24 -18.79 -9.03
CA GLU B 35 -21.79 -18.81 -8.86
C GLU B 35 -21.29 -17.83 -7.81
N LEU B 36 -21.81 -16.60 -7.83
CA LEU B 36 -21.38 -15.55 -6.90
C LEU B 36 -21.91 -15.71 -5.46
N LYS B 37 -22.90 -16.61 -5.24
CA LYS B 37 -23.50 -16.90 -3.92
C LYS B 37 -22.51 -17.64 -3.01
N ASN B 38 -22.02 -18.80 -3.48
CA ASN B 38 -21.10 -19.68 -2.77
C ASN B 38 -19.64 -19.19 -2.72
N VAL B 39 -19.29 -18.15 -3.50
CA VAL B 39 -17.95 -17.56 -3.44
C VAL B 39 -17.88 -16.59 -2.24
N THR B 40 -19.03 -15.99 -1.88
CA THR B 40 -19.22 -15.02 -0.80
C THR B 40 -19.86 -15.68 0.44
N ASN B 41 -19.79 -17.03 0.51
CA ASN B 41 -20.35 -17.90 1.58
C ASN B 41 -21.81 -17.53 1.88
N ASN B 42 -22.66 -17.68 0.85
CA ASN B 42 -24.11 -17.37 0.82
C ASN B 42 -24.41 -15.92 1.29
N PHE B 43 -23.65 -14.95 0.71
CA PHE B 43 -23.72 -13.51 0.97
C PHE B 43 -23.71 -13.17 2.47
N ASP B 44 -22.72 -13.76 3.18
CA ASP B 44 -22.43 -13.75 4.62
C ASP B 44 -22.99 -12.59 5.45
N GLU B 45 -22.85 -11.33 4.96
CA GLU B 45 -23.29 -10.09 5.62
C GLU B 45 -22.46 -9.79 6.87
N ARG B 46 -21.78 -10.81 7.42
CA ARG B 46 -20.87 -10.66 8.57
C ARG B 46 -19.58 -9.95 8.06
N PRO B 47 -18.85 -9.17 8.88
CA PRO B 47 -17.67 -8.45 8.34
C PRO B 47 -16.36 -9.27 8.31
N ILE B 48 -15.62 -9.34 9.43
CA ILE B 48 -14.33 -10.06 9.57
C ILE B 48 -13.34 -9.81 8.41
N GLY B 52 -16.75 -13.98 8.17
CA GLY B 52 -17.44 -12.83 7.60
C GLY B 52 -17.02 -12.47 6.19
N ASN B 53 -17.97 -12.05 5.33
CA ASN B 53 -17.69 -11.65 3.94
C ASN B 53 -17.88 -10.16 3.56
N LYS B 54 -18.79 -9.43 4.24
CA LYS B 54 -19.14 -8.02 3.98
C LYS B 54 -17.95 -7.03 4.18
N MET B 55 -17.39 -6.52 3.05
CA MET B 55 -16.30 -5.53 3.04
C MET B 55 -16.80 -4.14 3.45
N GLY B 56 -18.00 -3.81 2.97
CA GLY B 56 -18.67 -2.54 3.24
C GLY B 56 -20.10 -2.54 2.75
N GLU B 57 -20.79 -1.42 2.97
CA GLU B 57 -22.19 -1.22 2.57
C GLU B 57 -22.44 0.24 2.19
N GLY B 58 -23.36 0.43 1.26
CA GLY B 58 -23.74 1.75 0.75
C GLY B 58 -23.67 1.82 -0.76
N GLY B 59 -24.06 2.99 -1.29
CA GLY B 59 -24.07 3.26 -2.73
C GLY B 59 -24.87 2.25 -3.54
N PHE B 60 -26.19 2.17 -3.26
CA PHE B 60 -27.18 1.29 -3.90
C PHE B 60 -26.90 -0.23 -3.68
N GLY B 61 -26.53 -0.58 -2.44
CA GLY B 61 -26.29 -1.96 -2.07
C GLY B 61 -25.28 -2.21 -0.97
N VAL B 62 -24.71 -3.45 -0.99
CA VAL B 62 -23.71 -3.98 -0.05
C VAL B 62 -22.55 -4.66 -0.84
N VAL B 63 -21.30 -4.53 -0.32
CA VAL B 63 -20.06 -5.06 -0.93
C VAL B 63 -19.52 -6.29 -0.19
N TYR B 64 -19.44 -7.45 -0.89
CA TYR B 64 -18.89 -8.70 -0.32
C TYR B 64 -17.58 -9.09 -1.01
N LYS B 65 -16.71 -9.83 -0.30
CA LYS B 65 -15.43 -10.31 -0.84
C LYS B 65 -15.62 -11.59 -1.70
N GLY B 66 -14.90 -12.66 -1.41
CA GLY B 66 -14.99 -13.91 -2.14
C GLY B 66 -13.99 -14.02 -3.26
N TYR B 67 -13.35 -15.20 -3.38
CA TYR B 67 -12.32 -15.47 -4.37
C TYR B 67 -12.84 -16.25 -5.58
N VAL B 68 -12.11 -16.18 -6.71
CA VAL B 68 -12.38 -16.89 -7.98
C VAL B 68 -11.08 -17.45 -8.58
N THR B 71 -7.87 -15.41 -7.78
CA THR B 71 -8.10 -13.96 -7.78
C THR B 71 -9.19 -13.56 -6.80
N THR B 72 -8.88 -12.59 -5.94
CA THR B 72 -9.85 -12.00 -5.03
C THR B 72 -10.54 -10.91 -5.85
N VAL B 73 -11.87 -10.83 -5.71
CA VAL B 73 -12.72 -9.89 -6.45
C VAL B 73 -13.71 -9.19 -5.52
N ALA B 74 -14.39 -8.17 -6.06
CA ALA B 74 -15.41 -7.41 -5.33
C ALA B 74 -16.77 -7.64 -5.99
N VAL B 75 -17.75 -8.11 -5.20
CA VAL B 75 -19.11 -8.32 -5.71
C VAL B 75 -20.07 -7.29 -5.10
N LYS B 76 -20.55 -6.35 -5.94
CA LYS B 76 -21.48 -5.29 -5.55
C LYS B 76 -22.88 -5.78 -5.86
N LYS B 77 -23.66 -6.12 -4.80
CA LYS B 77 -25.04 -6.59 -4.96
C LYS B 77 -26.01 -5.40 -4.87
N LEU B 78 -26.63 -5.05 -6.02
CA LEU B 78 -27.57 -3.93 -6.11
C LEU B 78 -28.88 -4.16 -5.33
N ALA B 79 -29.04 -3.39 -4.22
CA ALA B 79 -30.20 -3.42 -3.33
C ALA B 79 -30.98 -2.11 -3.45
N ALA B 80 -32.33 -2.21 -3.52
CA ALA B 80 -33.25 -1.07 -3.65
C ALA B 80 -33.29 -0.20 -2.39
N GLU B 87 -35.22 -1.92 -10.49
CA GLU B 87 -36.29 -0.97 -10.81
C GLU B 87 -35.75 0.29 -11.50
N GLU B 88 -34.85 1.02 -10.82
CA GLU B 88 -34.16 2.24 -11.26
C GLU B 88 -32.65 1.99 -11.14
N LEU B 89 -32.33 0.83 -10.57
CA LEU B 89 -31.02 0.22 -10.32
C LEU B 89 -30.45 -0.28 -11.63
N LYS B 90 -31.34 -0.79 -12.54
CA LYS B 90 -30.99 -1.30 -13.86
C LYS B 90 -30.34 -0.22 -14.71
N GLN B 91 -30.88 1.02 -14.67
CA GLN B 91 -30.34 2.17 -15.40
C GLN B 91 -28.92 2.49 -14.91
N GLN B 92 -28.70 2.43 -13.59
CA GLN B 92 -27.39 2.65 -12.95
C GLN B 92 -26.41 1.48 -13.17
N PHE B 93 -26.96 0.28 -13.42
CA PHE B 93 -26.21 -0.95 -13.70
C PHE B 93 -25.66 -0.84 -15.14
N ASP B 94 -26.53 -0.50 -16.11
CA ASP B 94 -26.17 -0.33 -17.51
C ASP B 94 -25.23 0.85 -17.75
N GLN B 95 -25.37 1.93 -16.96
CA GLN B 95 -24.52 3.12 -17.09
C GLN B 95 -23.11 2.75 -16.70
N GLU B 96 -22.99 2.08 -15.54
CA GLU B 96 -21.74 1.56 -14.96
C GLU B 96 -20.99 0.73 -16.01
N ILE B 97 -21.71 -0.21 -16.68
CA ILE B 97 -21.15 -1.08 -17.74
C ILE B 97 -20.66 -0.22 -18.92
N LYS B 98 -21.55 0.63 -19.47
CA LYS B 98 -21.30 1.52 -20.60
C LYS B 98 -20.07 2.41 -20.42
N VAL B 99 -19.94 3.01 -19.21
CA VAL B 99 -18.82 3.90 -18.87
C VAL B 99 -17.52 3.09 -18.77
N MET B 100 -17.55 1.96 -18.02
CA MET B 100 -16.39 1.08 -17.80
C MET B 100 -15.87 0.41 -19.06
N ALA B 101 -16.73 0.26 -20.07
CA ALA B 101 -16.38 -0.34 -21.35
C ALA B 101 -15.34 0.53 -22.07
N LYS B 102 -15.57 1.86 -22.08
CA LYS B 102 -14.69 2.83 -22.74
C LYS B 102 -13.66 3.45 -21.82
N CYS B 103 -13.94 3.48 -20.52
CA CYS B 103 -13.08 4.13 -19.55
C CYS B 103 -12.17 3.18 -18.81
N GLN B 104 -10.89 3.18 -19.21
CA GLN B 104 -9.83 2.39 -18.61
C GLN B 104 -8.65 3.30 -18.32
N HIS B 105 -8.39 3.52 -17.03
CA HIS B 105 -7.31 4.36 -16.56
C HIS B 105 -6.75 3.79 -15.26
N GLU B 106 -5.47 4.12 -14.97
CA GLU B 106 -4.71 3.69 -13.80
C GLU B 106 -5.30 4.25 -12.52
N ASN B 107 -6.25 5.17 -12.63
CA ASN B 107 -6.87 5.81 -11.48
C ASN B 107 -8.38 5.66 -11.48
N LEU B 108 -8.88 4.61 -12.17
CA LEU B 108 -10.30 4.22 -12.17
C LEU B 108 -10.28 2.76 -11.82
N VAL B 109 -11.25 2.28 -11.02
CA VAL B 109 -11.31 0.84 -10.69
C VAL B 109 -11.67 0.11 -11.95
N GLU B 110 -11.23 -1.15 -12.08
CA GLU B 110 -11.56 -1.91 -13.27
C GLU B 110 -12.74 -2.85 -13.00
N LEU B 111 -13.65 -2.92 -13.97
CA LEU B 111 -14.80 -3.82 -13.93
C LEU B 111 -14.32 -5.11 -14.59
N LEU B 112 -14.67 -6.27 -14.01
CA LEU B 112 -14.26 -7.55 -14.59
C LEU B 112 -15.48 -8.31 -15.16
N GLY B 113 -16.68 -7.84 -14.83
CA GLY B 113 -17.94 -8.46 -15.24
C GLY B 113 -19.15 -8.14 -14.38
N PHE B 114 -20.22 -8.94 -14.56
CA PHE B 114 -21.53 -8.76 -13.93
C PHE B 114 -22.35 -10.07 -13.81
N SER B 115 -23.64 -9.96 -13.40
CA SER B 115 -24.61 -11.03 -13.23
C SER B 115 -26.05 -10.49 -13.39
N SER B 116 -26.96 -11.32 -13.94
CA SER B 116 -28.37 -10.96 -14.15
C SER B 116 -29.32 -12.18 -14.24
N ASP B 117 -28.80 -13.39 -13.96
CA ASP B 117 -29.56 -14.64 -14.00
C ASP B 117 -30.56 -14.73 -12.84
N ASP B 120 -31.45 -11.10 -8.32
CA ASP B 120 -30.97 -9.75 -8.01
C ASP B 120 -30.02 -9.20 -9.11
N LEU B 121 -29.10 -8.26 -8.75
CA LEU B 121 -28.16 -7.64 -9.69
C LEU B 121 -26.76 -7.55 -9.09
N CYS B 122 -25.75 -8.07 -9.83
CA CYS B 122 -24.38 -8.06 -9.35
C CYS B 122 -23.39 -7.48 -10.38
N LEU B 123 -22.32 -6.83 -9.86
CA LEU B 123 -21.21 -6.20 -10.63
C LEU B 123 -19.90 -6.63 -9.99
N VAL B 124 -18.96 -7.18 -10.79
CA VAL B 124 -17.67 -7.65 -10.26
C VAL B 124 -16.50 -6.71 -10.66
N TYR B 125 -15.64 -6.43 -9.70
CA TYR B 125 -14.52 -5.50 -9.84
C TYR B 125 -13.23 -6.12 -9.34
N VAL B 126 -12.10 -5.47 -9.67
CA VAL B 126 -10.79 -5.84 -9.16
C VAL B 126 -10.85 -5.47 -7.67
N TYR B 127 -10.45 -6.41 -6.80
CA TYR B 127 -10.46 -6.21 -5.35
C TYR B 127 -9.41 -5.15 -4.93
N MET B 128 -9.86 -4.15 -4.17
CA MET B 128 -9.04 -3.07 -3.60
C MET B 128 -8.68 -3.48 -2.17
N PRO B 129 -7.46 -4.01 -1.97
CA PRO B 129 -7.07 -4.48 -0.62
C PRO B 129 -7.16 -3.46 0.52
N ASN B 130 -7.13 -2.16 0.18
CA ASN B 130 -7.15 -1.09 1.15
C ASN B 130 -8.43 -0.27 1.22
N GLY B 131 -9.50 -0.81 0.65
CA GLY B 131 -10.83 -0.24 0.66
C GLY B 131 -10.92 1.17 0.15
N SER B 132 -11.82 1.95 0.77
CA SER B 132 -12.08 3.35 0.41
C SER B 132 -11.19 4.32 1.20
N LEU B 133 -10.98 5.53 0.64
CA LEU B 133 -10.22 6.60 1.28
C LEU B 133 -10.91 7.03 2.60
N LEU B 134 -12.24 6.99 2.61
CA LEU B 134 -13.05 7.36 3.77
C LEU B 134 -12.74 6.45 4.96
N ASP B 135 -12.61 5.12 4.70
CA ASP B 135 -12.33 4.16 5.74
C ASP B 135 -10.95 4.33 6.30
N ARG B 136 -10.00 4.67 5.42
CA ARG B 136 -8.60 4.85 5.75
C ARG B 136 -8.34 6.13 6.50
N LEU B 137 -9.10 7.16 6.15
CA LEU B 137 -9.00 8.44 6.83
C LEU B 137 -9.57 8.30 8.27
N SER B 138 -10.58 7.43 8.43
CA SER B 138 -11.20 7.18 9.72
C SER B 138 -10.47 6.08 10.49
N CYS B 139 -9.53 5.34 9.82
CA CYS B 139 -8.74 4.22 10.33
C CYS B 139 -9.63 3.07 10.73
N LEU B 140 -10.69 2.85 9.97
CA LEU B 140 -11.66 1.78 10.18
C LEU B 140 -10.96 0.40 10.31
N ASP B 141 -11.37 -0.38 11.33
CA ASP B 141 -10.85 -1.72 11.65
C ASP B 141 -9.36 -1.71 12.10
N GLY B 142 -8.89 -0.54 12.51
CA GLY B 142 -7.57 -0.34 13.08
C GLY B 142 -6.41 -0.22 12.15
N THR B 143 -6.65 0.12 10.90
CA THR B 143 -5.55 0.30 9.92
C THR B 143 -4.74 1.56 10.26
N PRO B 144 -3.43 1.61 10.05
CA PRO B 144 -2.67 2.82 10.44
C PRO B 144 -3.10 4.07 9.67
N PRO B 145 -2.97 5.26 10.30
CA PRO B 145 -3.33 6.49 9.60
C PRO B 145 -2.44 6.69 8.38
N LEU B 146 -2.99 7.12 7.25
CA LEU B 146 -2.16 7.38 6.06
C LEU B 146 -1.30 8.59 6.34
N SER B 147 -0.08 8.54 5.88
CA SER B 147 0.86 9.65 6.07
C SER B 147 0.47 10.71 5.07
N TRP B 148 1.06 11.90 5.21
CA TRP B 148 0.85 13.02 4.31
C TRP B 148 1.40 12.72 2.93
N HIS B 149 2.50 11.95 2.89
CA HIS B 149 3.16 11.53 1.65
C HIS B 149 2.18 10.69 0.83
N MET B 150 1.60 9.62 1.42
CA MET B 150 0.59 8.81 0.75
C MET B 150 -0.66 9.68 0.37
N ARG B 151 -1.10 10.60 1.27
CA ARG B 151 -2.27 11.47 1.02
C ARG B 151 -2.10 12.34 -0.20
N CYS B 152 -0.85 12.87 -0.40
CA CYS B 152 -0.48 13.63 -1.56
C CYS B 152 -0.53 12.77 -2.84
N LYS B 153 -0.14 11.48 -2.78
CA LYS B 153 -0.19 10.59 -3.99
C LYS B 153 -1.65 10.23 -4.35
N ILE B 154 -2.49 10.11 -3.32
CA ILE B 154 -3.92 9.79 -3.44
C ILE B 154 -4.69 10.97 -4.07
N ALA B 155 -4.36 12.20 -3.65
CA ALA B 155 -4.90 13.44 -4.20
C ALA B 155 -4.54 13.54 -5.68
N GLN B 156 -3.25 13.30 -6.03
CA GLN B 156 -2.77 13.37 -7.42
C GLN B 156 -3.44 12.29 -8.29
N GLY B 157 -3.56 11.09 -7.75
CA GLY B 157 -4.17 9.98 -8.45
C GLY B 157 -5.64 10.21 -8.71
N ALA B 158 -6.38 10.61 -7.65
CA ALA B 158 -7.81 10.90 -7.76
C ALA B 158 -8.06 11.96 -8.84
N ALA B 159 -7.27 13.07 -8.83
CA ALA B 159 -7.30 14.17 -9.81
C ALA B 159 -7.02 13.65 -11.22
N ASN B 160 -6.05 12.70 -11.37
CA ASN B 160 -5.76 12.11 -12.68
C ASN B 160 -6.98 11.33 -13.16
N GLY B 161 -7.57 10.52 -12.26
CA GLY B 161 -8.79 9.76 -12.52
C GLY B 161 -9.93 10.63 -12.99
N ILE B 162 -10.18 11.76 -12.28
CA ILE B 162 -11.21 12.73 -12.66
C ILE B 162 -10.85 13.33 -14.03
N ASN B 163 -9.55 13.70 -14.23
CA ASN B 163 -9.09 14.28 -15.49
C ASN B 163 -9.39 13.38 -16.68
N PHE B 164 -9.13 12.07 -16.57
CA PHE B 164 -9.46 11.11 -17.62
C PHE B 164 -10.97 11.17 -17.91
N LEU B 165 -11.80 11.15 -16.86
CA LEU B 165 -13.26 11.21 -17.00
C LEU B 165 -13.76 12.48 -17.73
N HIS B 166 -13.21 13.66 -17.40
CA HIS B 166 -13.59 14.94 -18.02
C HIS B 166 -13.01 15.05 -19.42
N GLU B 167 -11.77 14.52 -19.64
CA GLU B 167 -11.10 14.49 -20.96
C GLU B 167 -11.96 13.69 -21.92
N ASN B 168 -12.60 12.62 -21.41
CA ASN B 168 -13.48 11.73 -22.13
C ASN B 168 -14.96 12.12 -22.01
N HIS B 169 -15.23 13.39 -21.65
CA HIS B 169 -16.55 14.03 -21.54
C HIS B 169 -17.55 13.23 -20.68
N HIS B 170 -17.14 12.91 -19.47
CA HIS B 170 -17.98 12.22 -18.49
C HIS B 170 -18.02 13.03 -17.20
N ILE B 171 -19.22 13.23 -16.65
CA ILE B 171 -19.40 13.89 -15.35
C ILE B 171 -19.69 12.72 -14.40
N HIS B 172 -18.85 12.52 -13.36
CA HIS B 172 -18.97 11.44 -12.40
C HIS B 172 -20.30 11.54 -11.64
N ARG B 173 -20.56 12.73 -11.08
CA ARG B 173 -21.77 13.16 -10.36
C ARG B 173 -21.88 12.68 -8.89
N ASP B 174 -20.86 11.97 -8.36
CA ASP B 174 -20.82 11.50 -6.97
C ASP B 174 -19.36 11.29 -6.46
N ILE B 175 -18.49 12.31 -6.68
CA ILE B 175 -17.10 12.30 -6.21
C ILE B 175 -17.11 12.50 -4.68
N LYS B 176 -16.55 11.52 -3.96
CA LYS B 176 -16.50 11.50 -2.51
C LYS B 176 -15.48 10.47 -2.09
N SER B 177 -14.89 10.64 -0.90
CA SER B 177 -13.89 9.70 -0.41
C SER B 177 -14.37 8.23 -0.34
N ALA B 178 -15.67 7.94 -0.10
CA ALA B 178 -16.13 6.53 -0.10
C ALA B 178 -15.96 5.88 -1.47
N ASN B 179 -16.10 6.68 -2.57
CA ASN B 179 -15.96 6.24 -3.95
C ASN B 179 -14.50 6.26 -4.48
N ILE B 180 -13.54 6.79 -3.69
CA ILE B 180 -12.12 6.76 -4.08
C ILE B 180 -11.53 5.54 -3.36
N LEU B 181 -11.25 4.50 -4.15
CA LEU B 181 -10.74 3.21 -3.68
C LEU B 181 -9.21 3.14 -3.70
N LEU B 182 -8.64 2.20 -2.93
CA LEU B 182 -7.18 2.11 -2.77
C LEU B 182 -6.62 0.68 -2.96
N ASP B 183 -5.72 0.51 -3.94
CA ASP B 183 -5.14 -0.79 -4.22
C ASP B 183 -4.05 -1.16 -3.20
N GLU B 184 -3.30 -2.22 -3.52
CA GLU B 184 -2.20 -2.79 -2.77
C GLU B 184 -1.00 -1.83 -2.59
N ALA B 185 -0.91 -0.79 -3.42
CA ALA B 185 0.15 0.21 -3.34
C ALA B 185 -0.39 1.56 -2.97
N PHE B 186 -1.67 1.60 -2.49
CA PHE B 186 -2.45 2.78 -2.11
C PHE B 186 -2.65 3.78 -3.26
N THR B 187 -2.75 3.25 -4.50
CA THR B 187 -3.04 4.04 -5.70
C THR B 187 -4.54 4.33 -5.64
N ALA B 188 -4.90 5.60 -5.81
CA ALA B 188 -6.29 6.06 -5.79
C ALA B 188 -7.00 5.64 -7.07
N LYS B 189 -8.08 4.88 -6.92
CA LYS B 189 -8.87 4.42 -8.06
C LYS B 189 -10.32 4.88 -7.85
N ILE B 190 -10.79 5.84 -8.66
CA ILE B 190 -12.17 6.37 -8.61
C ILE B 190 -13.18 5.26 -9.02
N SER B 191 -14.30 5.19 -8.32
CA SER B 191 -15.32 4.18 -8.56
C SER B 191 -16.73 4.77 -8.55
N ASP B 192 -17.74 3.97 -8.95
CA ASP B 192 -19.18 4.28 -9.03
C ASP B 192 -19.53 5.27 -10.15
N PHE B 193 -19.85 4.70 -11.31
CA PHE B 193 -20.20 5.40 -12.54
C PHE B 193 -21.68 5.16 -12.90
N GLY B 194 -22.49 4.78 -11.90
CA GLY B 194 -23.92 4.53 -12.03
C GLY B 194 -24.72 5.80 -12.22
N LEU B 195 -24.30 6.90 -11.53
CA LEU B 195 -24.90 8.23 -11.60
C LEU B 195 -24.25 9.08 -12.72
N ALA B 196 -23.10 8.62 -13.27
CA ALA B 196 -22.35 9.34 -14.31
C ALA B 196 -23.17 9.70 -15.55
N ARG B 197 -22.83 10.85 -16.17
CA ARG B 197 -23.46 11.35 -17.40
C ARG B 197 -22.43 11.72 -18.45
N ALA B 198 -22.70 11.38 -19.72
CA ALA B 198 -21.84 11.73 -20.84
C ALA B 198 -22.08 13.22 -21.19
N SER B 199 -21.01 14.05 -21.10
CA SER B 199 -20.97 15.48 -21.39
C SER B 199 -20.66 15.73 -22.88
N TPO B 205 -24.04 22.75 -20.33
CA TPO B 205 -24.69 22.48 -19.06
CB TPO B 205 -24.48 23.61 -17.99
CG2 TPO B 205 -25.15 23.36 -16.61
OG1 TPO B 205 -23.10 23.59 -17.69
P TPO B 205 -22.30 24.87 -17.99
O1P TPO B 205 -22.90 26.19 -17.49
O2P TPO B 205 -22.00 24.99 -19.49
O3P TPO B 205 -20.97 24.57 -17.29
C TPO B 205 -26.17 22.12 -19.23
O TPO B 205 -26.91 22.84 -19.90
N VAL B 206 -26.57 21.00 -18.60
CA VAL B 206 -27.95 20.51 -18.59
C VAL B 206 -28.52 20.52 -17.16
N MET B 207 -29.81 20.21 -17.04
CA MET B 207 -30.51 20.14 -15.76
C MET B 207 -31.30 18.85 -15.58
N TPO B 208 -31.70 18.55 -14.33
CA TPO B 208 -32.43 17.33 -13.98
CB TPO B 208 -31.43 16.17 -13.55
CG2 TPO B 208 -30.58 16.38 -12.27
OG1 TPO B 208 -32.09 14.87 -13.43
P TPO B 208 -32.49 14.12 -14.71
O1P TPO B 208 -33.82 14.58 -15.31
O2P TPO B 208 -32.69 12.70 -14.24
O3P TPO B 208 -31.41 14.14 -15.79
C TPO B 208 -33.46 17.52 -12.86
O TPO B 208 -33.22 18.28 -11.91
N SEP B 209 -34.58 16.78 -12.95
CA SEP B 209 -35.63 16.76 -11.93
CB SEP B 209 -37.06 16.49 -12.38
OG SEP B 209 -37.16 16.24 -13.81
C SEP B 209 -35.17 15.81 -10.81
O SEP B 209 -35.43 16.08 -9.63
P SEP B 209 -38.48 15.50 -14.14
O1P SEP B 209 -39.69 16.33 -13.73
O2P SEP B 209 -38.53 15.30 -15.66
O3P SEP B 209 -38.56 14.12 -13.47
N ARG B 210 -34.46 14.72 -11.18
CA ARG B 210 -33.91 13.74 -10.24
C ARG B 210 -32.53 14.19 -9.73
N ILE B 211 -32.53 14.99 -8.64
CA ILE B 211 -31.30 15.48 -7.99
C ILE B 211 -30.73 14.33 -7.16
N VAL B 212 -29.54 13.89 -7.55
CA VAL B 212 -28.86 12.75 -6.92
C VAL B 212 -27.40 13.06 -6.58
N GLY B 213 -26.92 12.40 -5.51
CA GLY B 213 -25.56 12.53 -4.98
C GLY B 213 -25.51 12.61 -3.46
N THR B 214 -24.31 12.87 -2.92
CA THR B 214 -24.08 12.98 -1.48
C THR B 214 -24.04 14.45 -1.10
N THR B 215 -25.05 14.88 -0.34
CA THR B 215 -25.29 16.26 0.07
C THR B 215 -24.09 17.00 0.65
N ALA B 216 -23.31 16.36 1.54
CA ALA B 216 -22.17 17.00 2.21
C ALA B 216 -21.03 17.34 1.25
N TYR B 217 -21.02 16.69 0.07
CA TYR B 217 -20.02 16.81 -0.99
C TYR B 217 -20.50 17.58 -2.20
N MET B 218 -21.81 17.86 -2.31
CA MET B 218 -22.43 18.49 -3.45
C MET B 218 -22.23 19.96 -3.56
N ALA B 219 -22.16 20.42 -4.81
CA ALA B 219 -22.02 21.82 -5.18
C ALA B 219 -23.39 22.51 -5.14
N PRO B 220 -23.46 23.83 -4.92
CA PRO B 220 -24.78 24.50 -4.92
C PRO B 220 -25.62 24.22 -6.17
N GLU B 221 -25.03 24.37 -7.36
CA GLU B 221 -25.75 24.14 -8.61
C GLU B 221 -26.20 22.68 -8.78
N ALA B 222 -25.44 21.73 -8.22
CA ALA B 222 -25.76 20.29 -8.26
C ALA B 222 -27.04 20.01 -7.46
N LEU B 223 -27.16 20.67 -6.30
CA LEU B 223 -28.27 20.58 -5.37
C LEU B 223 -29.49 21.17 -5.97
N ARG B 224 -29.29 22.07 -6.95
CA ARG B 224 -30.37 22.73 -7.71
C ARG B 224 -30.73 21.95 -8.98
N GLY B 225 -30.02 20.87 -9.26
CA GLY B 225 -30.30 20.03 -10.41
C GLY B 225 -29.46 20.26 -11.65
N GLU B 226 -28.42 21.09 -11.57
CA GLU B 226 -27.54 21.33 -12.70
C GLU B 226 -26.55 20.18 -12.81
N ILE B 227 -26.27 19.75 -14.07
CA ILE B 227 -25.29 18.69 -14.38
C ILE B 227 -24.17 19.33 -15.22
N THR B 228 -23.03 19.55 -14.60
CA THR B 228 -21.83 20.15 -15.16
C THR B 228 -20.59 19.51 -14.51
N PRO B 229 -19.46 19.31 -15.28
CA PRO B 229 -18.25 18.77 -14.64
C PRO B 229 -17.70 19.70 -13.55
N LYS B 230 -18.11 21.00 -13.54
CA LYS B 230 -17.68 21.97 -12.52
C LYS B 230 -18.16 21.56 -11.13
N SER B 231 -19.25 20.76 -11.08
CA SER B 231 -19.79 20.18 -9.84
C SER B 231 -18.82 19.16 -9.26
N ASP B 232 -18.13 18.38 -10.14
CA ASP B 232 -17.15 17.36 -9.76
C ASP B 232 -15.94 17.99 -9.08
N ILE B 233 -15.51 19.20 -9.57
CA ILE B 233 -14.41 20.00 -9.01
C ILE B 233 -14.71 20.34 -7.53
N TYR B 234 -15.93 20.87 -7.29
CA TYR B 234 -16.41 21.25 -5.98
C TYR B 234 -16.31 20.07 -5.00
N SER B 235 -16.81 18.88 -5.42
CA SER B 235 -16.82 17.65 -4.62
C SER B 235 -15.38 17.18 -4.32
N PHE B 236 -14.48 17.34 -5.32
CA PHE B 236 -13.09 16.99 -5.14
C PHE B 236 -12.44 17.91 -4.07
N GLY B 237 -12.84 19.18 -4.01
CA GLY B 237 -12.40 20.13 -2.99
C GLY B 237 -12.80 19.71 -1.60
N VAL B 238 -13.95 19.00 -1.45
CA VAL B 238 -14.44 18.48 -0.17
C VAL B 238 -13.51 17.31 0.22
N VAL B 239 -13.21 16.44 -0.75
CA VAL B 239 -12.31 15.31 -0.57
C VAL B 239 -10.96 15.83 -0.13
N LEU B 240 -10.42 16.88 -0.81
CA LEU B 240 -9.16 17.51 -0.44
C LEU B 240 -9.17 17.98 1.00
N LEU B 241 -10.30 18.56 1.47
CA LEU B 241 -10.46 18.95 2.87
C LEU B 241 -10.49 17.74 3.80
N GLU B 242 -11.13 16.59 3.40
CA GLU B 242 -11.12 15.37 4.20
C GLU B 242 -9.68 14.81 4.29
N ILE B 243 -8.94 14.86 3.17
CA ILE B 243 -7.54 14.42 3.11
C ILE B 243 -6.67 15.24 4.09
N ILE B 244 -6.84 16.58 4.11
CA ILE B 244 -6.02 17.41 4.99
C ILE B 244 -6.36 17.21 6.50
N THR B 245 -7.65 17.14 6.82
CA THR B 245 -8.15 17.10 8.19
C THR B 245 -8.42 15.71 8.79
N GLY B 246 -8.61 14.69 7.95
CA GLY B 246 -8.99 13.35 8.39
C GLY B 246 -10.40 13.37 8.97
N LEU B 247 -11.12 14.47 8.69
CA LEU B 247 -12.47 14.74 9.15
C LEU B 247 -13.46 14.32 8.09
N PRO B 248 -14.54 13.59 8.45
CA PRO B 248 -15.52 13.23 7.43
C PRO B 248 -16.38 14.47 7.02
N ALA B 249 -16.82 14.52 5.76
CA ALA B 249 -17.60 15.65 5.21
C ALA B 249 -18.78 16.04 6.07
N VAL B 250 -19.44 15.01 6.65
CA VAL B 250 -20.56 15.13 7.59
C VAL B 250 -20.27 14.42 8.90
N ASP B 251 -20.57 15.13 9.99
CA ASP B 251 -20.58 14.63 11.33
C ASP B 251 -21.76 15.28 12.06
N GLU B 252 -22.77 14.46 12.39
CA GLU B 252 -23.96 14.90 13.11
C GLU B 252 -23.56 15.46 14.50
N HIS B 253 -22.65 14.76 15.24
CA HIS B 253 -22.18 15.15 16.59
C HIS B 253 -20.89 15.99 16.55
N ARG B 254 -20.91 17.08 15.76
CA ARG B 254 -19.78 18.00 15.58
C ARG B 254 -20.27 19.35 15.06
N GLU B 255 -19.62 20.44 15.53
CA GLU B 255 -19.93 21.80 15.12
C GLU B 255 -18.64 22.42 14.50
N PRO B 256 -18.59 22.73 13.17
CA PRO B 256 -19.64 22.59 12.16
C PRO B 256 -19.86 21.13 11.75
N GLN B 257 -21.08 20.79 11.36
CA GLN B 257 -21.41 19.45 10.90
C GLN B 257 -20.76 19.26 9.55
N LEU B 258 -20.80 20.32 8.71
CA LEU B 258 -20.28 20.28 7.37
C LEU B 258 -18.88 20.82 7.27
N LEU B 259 -17.96 19.90 6.92
CA LEU B 259 -16.54 20.14 6.74
C LEU B 259 -16.25 21.40 5.93
N LEU B 260 -16.97 21.51 4.82
CA LEU B 260 -17.05 22.59 3.85
C LEU B 260 -17.08 23.96 4.53
N ASP B 261 -17.71 24.05 5.73
CA ASP B 261 -17.87 25.26 6.52
C ASP B 261 -16.58 25.74 7.19
N ILE B 262 -15.49 24.93 7.11
CA ILE B 262 -14.21 25.35 7.67
C ILE B 262 -13.55 26.35 6.73
N LYS B 263 -13.99 26.39 5.45
CA LYS B 263 -13.47 27.35 4.48
C LYS B 263 -13.80 28.77 4.94
N GLU B 264 -15.09 29.01 5.27
CA GLU B 264 -15.51 30.33 5.72
C GLU B 264 -14.84 30.70 7.03
N GLU B 265 -14.67 29.71 7.93
CA GLU B 265 -14.03 29.87 9.24
C GLU B 265 -12.60 30.39 9.09
N ILE B 266 -11.83 29.86 8.10
CA ILE B 266 -10.44 30.21 7.82
C ILE B 266 -10.31 31.61 7.18
N GLU B 267 -11.15 31.92 6.18
CA GLU B 267 -11.15 33.18 5.44
C GLU B 267 -11.55 34.32 6.34
N ASP B 268 -12.53 34.09 7.21
CA ASP B 268 -13.05 35.10 8.11
C ASP B 268 -12.37 35.03 9.49
N GLU B 269 -11.03 34.85 9.48
CA GLU B 269 -10.13 34.77 10.64
C GLU B 269 -8.67 34.91 10.22
N LYS B 271 -9.36 31.01 13.31
CA LYS B 271 -9.08 29.75 12.64
C LYS B 271 -8.29 29.88 11.33
N THR B 272 -7.30 28.99 11.17
CA THR B 272 -6.43 28.77 10.01
C THR B 272 -6.44 27.28 9.72
N ILE B 273 -5.88 26.87 8.57
CA ILE B 273 -5.87 25.46 8.19
C ILE B 273 -4.90 24.66 9.10
N GLU B 274 -3.90 25.33 9.70
CA GLU B 274 -2.97 24.67 10.61
C GLU B 274 -3.76 23.98 11.73
N ASP B 275 -4.70 24.70 12.33
CA ASP B 275 -5.58 24.22 13.40
C ASP B 275 -6.41 22.98 13.00
N TYR B 276 -6.62 22.77 11.69
CA TYR B 276 -7.42 21.67 11.18
C TYR B 276 -6.63 20.49 10.61
N ILE B 277 -5.30 20.65 10.35
CA ILE B 277 -4.45 19.57 9.81
C ILE B 277 -4.64 18.32 10.69
N ASP B 278 -4.89 17.16 10.05
CA ASP B 278 -5.07 15.89 10.74
C ASP B 278 -3.87 15.61 11.60
N LYS B 279 -4.06 15.54 12.93
CA LYS B 279 -3.03 15.27 13.94
C LYS B 279 -2.47 13.83 13.89
N LYS B 280 -3.15 12.91 13.17
CA LYS B 280 -2.65 11.53 13.02
C LYS B 280 -1.59 11.45 11.89
N MET B 281 -0.81 12.54 11.73
CA MET B 281 0.25 12.68 10.74
C MET B 281 1.43 13.33 11.44
N ASN B 282 2.62 12.84 11.14
CA ASN B 282 3.90 13.35 11.67
C ASN B 282 4.78 13.93 10.54
N ASP B 283 4.43 13.67 9.25
CA ASP B 283 5.21 14.06 8.06
C ASP B 283 4.64 15.22 7.22
N ALA B 284 3.53 15.87 7.64
CA ALA B 284 2.94 17.00 6.91
C ALA B 284 3.73 18.31 7.09
N ASP B 285 3.65 19.24 6.12
CA ASP B 285 4.36 20.52 6.28
C ASP B 285 3.49 21.68 5.88
N SER B 286 3.71 22.84 6.53
CA SER B 286 2.94 24.05 6.28
C SER B 286 2.77 24.39 4.80
N THR B 287 3.85 24.37 4.01
CA THR B 287 3.81 24.73 2.59
C THR B 287 2.98 23.73 1.76
N SER B 288 3.22 22.42 1.86
CA SER B 288 2.45 21.45 1.08
C SER B 288 1.00 21.41 1.54
N VAL B 289 0.74 21.49 2.85
CA VAL B 289 -0.63 21.54 3.40
C VAL B 289 -1.36 22.80 2.89
N GLU B 290 -0.69 23.98 2.97
CA GLU B 290 -1.22 25.26 2.47
C GLU B 290 -1.45 25.22 0.97
N ALA B 291 -0.57 24.52 0.22
CA ALA B 291 -0.71 24.36 -1.22
C ALA B 291 -1.91 23.45 -1.55
N MET B 292 -2.16 22.33 -0.79
CA MET B 292 -3.33 21.50 -1.04
C MET B 292 -4.62 22.25 -0.66
N TYR B 293 -4.61 22.99 0.50
CA TYR B 293 -5.76 23.79 0.92
C TYR B 293 -6.13 24.83 -0.12
N SER B 294 -5.13 25.55 -0.67
CA SER B 294 -5.36 26.56 -1.71
C SER B 294 -6.14 25.94 -2.90
N VAL B 295 -5.83 24.71 -3.27
CA VAL B 295 -6.52 24.00 -4.35
C VAL B 295 -7.97 23.74 -3.94
N ALA B 296 -8.18 23.18 -2.71
CA ALA B 296 -9.50 22.88 -2.14
C ALA B 296 -10.36 24.13 -2.08
N SER B 297 -9.77 25.28 -1.65
CA SER B 297 -10.43 26.59 -1.56
C SER B 297 -10.90 27.03 -2.94
N GLN B 298 -10.03 26.88 -3.97
CA GLN B 298 -10.35 27.23 -5.35
C GLN B 298 -11.44 26.29 -5.87
N CYS B 299 -11.38 25.01 -5.50
CA CYS B 299 -12.36 24.02 -5.92
C CYS B 299 -13.69 24.28 -5.33
N LEU B 300 -13.71 24.83 -4.09
CA LEU B 300 -14.92 25.09 -3.31
C LEU B 300 -15.57 26.47 -3.52
N HIS B 301 -15.14 27.18 -4.58
CA HIS B 301 -15.71 28.46 -4.93
C HIS B 301 -17.19 28.24 -5.19
N GLU B 302 -18.02 29.05 -4.55
CA GLU B 302 -19.47 28.96 -4.63
C GLU B 302 -20.01 29.05 -6.04
N LYS B 303 -19.34 29.88 -6.88
CA LYS B 303 -19.70 30.14 -8.28
C LYS B 303 -18.89 29.24 -9.22
N LYS B 304 -19.56 28.19 -9.77
CA LYS B 304 -19.02 27.15 -10.66
C LYS B 304 -18.00 27.65 -11.72
N ASN B 305 -18.28 28.75 -12.39
CA ASN B 305 -17.41 29.31 -13.42
C ASN B 305 -16.09 29.92 -12.89
N LYS B 306 -16.02 30.22 -11.59
CA LYS B 306 -14.81 30.79 -10.99
C LYS B 306 -13.85 29.70 -10.53
N ARG B 307 -14.37 28.47 -10.37
CA ARG B 307 -13.66 27.26 -10.00
C ARG B 307 -12.65 26.88 -11.10
N PRO B 308 -11.53 26.21 -10.77
CA PRO B 308 -10.63 25.76 -11.84
C PRO B 308 -11.11 24.46 -12.50
N ASP B 309 -10.66 24.20 -13.74
CA ASP B 309 -10.95 22.94 -14.41
C ASP B 309 -10.03 21.84 -13.83
N ILE B 310 -10.38 20.56 -14.03
CA ILE B 310 -9.59 19.42 -13.50
C ILE B 310 -8.12 19.50 -13.94
N LYS B 311 -7.85 19.93 -15.17
CA LYS B 311 -6.49 20.09 -15.70
C LYS B 311 -5.67 21.04 -14.81
N LYS B 312 -6.27 22.19 -14.40
CA LYS B 312 -5.63 23.16 -13.50
C LYS B 312 -5.41 22.55 -12.10
N VAL B 313 -6.44 21.88 -11.54
CA VAL B 313 -6.36 21.20 -10.25
C VAL B 313 -5.18 20.24 -10.28
N GLN B 314 -5.14 19.37 -11.31
CA GLN B 314 -4.11 18.34 -11.56
C GLN B 314 -2.73 18.98 -11.56
N GLN B 315 -2.55 20.07 -12.32
CA GLN B 315 -1.34 20.88 -12.45
C GLN B 315 -0.91 21.45 -11.10
N LEU B 316 -1.87 22.04 -10.35
CA LEU B 316 -1.62 22.62 -9.04
C LEU B 316 -1.18 21.58 -8.00
N LEU B 317 -1.74 20.36 -8.07
CA LEU B 317 -1.38 19.25 -7.20
C LEU B 317 0.00 18.68 -7.56
N GLN B 318 0.41 18.79 -8.81
CA GLN B 318 1.73 18.35 -9.23
C GLN B 318 2.79 19.36 -8.79
N GLU B 319 2.48 20.67 -8.85
CA GLU B 319 3.30 21.80 -8.40
C GLU B 319 3.55 21.74 -6.87
N MET B 320 2.61 21.12 -6.12
CA MET B 320 2.64 20.97 -4.67
C MET B 320 3.78 20.02 -4.17
N THR B 321 4.26 19.11 -5.05
CA THR B 321 5.29 18.11 -4.74
C THR B 321 6.61 18.33 -5.51
C7 8BY C . 17.64 -0.39 8.08
C6 8BY C . 17.44 -0.03 6.71
C9 8BY C . 16.98 -0.11 10.43
C13 8BY C . 19.42 -2.17 7.57
C21 8BY C . 15.76 1.06 8.64
C8 8BY C . 16.77 0.18 9.07
C18 8BY C . 20.80 -2.16 7.55
C16 8BY C . 20.85 -4.12 6.18
C19 8BY C . 21.60 -5.14 5.48
C1 8BY C . 15.84 0.72 2.79
C2 8BY C . 16.84 0.60 3.91
C3 8BY C . 18.08 1.41 3.67
O4 8BY C . 16.15 1.15 5.05
C5 8BY C . 16.43 0.82 6.35
C10 8BY C . 18.01 -0.93 10.81
C11 8BY C . 18.85 -1.50 9.86
C12 8BY C . 18.67 -1.30 8.52
C14 8BY C . 18.75 -3.15 6.83
C15 8BY C . 19.45 -4.13 6.14
C17 8BY C . 21.51 -3.13 6.87
N20 8BY C . 22.22 -5.93 4.93
C22 8BY C . 15.59 1.39 7.32
C23 8BY C . 14.48 2.37 7.05
O24 8BY C . 13.91 2.93 8.01
N25 8BY C . 14.18 2.68 5.80
HC6 8BY C . 18.15 -0.41 5.98
HC9 8BY C . 16.32 0.32 11.18
HC21 8BY C . 15.12 1.41 9.45
HC18 8BY C . 21.33 -1.37 8.08
HC1B 8BY C . 15.13 -0.10 2.79
HC1A 8BY C . 16.32 0.72 1.81
HC1C 8BY C . 15.25 1.63 2.86
HC2 8BY C . 17.08 -0.45 4.02
HC3C 8BY C . 17.91 2.47 3.84
HC3B 8BY C . 18.43 1.31 2.65
HC3A 8BY C . 18.89 1.11 4.33
HC10 8BY C . 18.16 -1.15 11.87
HC11 8BY C . 19.68 -2.11 10.20
HC14 8BY C . 17.66 -3.16 6.79
HC15 8BY C . 18.93 -4.86 5.54
HC17 8BY C . 22.60 -3.08 6.82
H25B 8BY C . 13.44 3.33 5.61
H25A 8BY C . 14.64 2.30 4.97
C7 8BY D . -15.68 -0.96 -1.26
C6 8BY D . -16.08 -0.96 -2.64
C9 8BY D . -14.18 -1.86 0.47
C13 8BY D . -17.44 0.76 -0.51
C21 8BY D . -13.86 -2.47 -1.91
C8 8BY D . -14.54 -1.75 -0.91
C18 8BY D . -18.63 0.79 0.23
C16 8BY D . -19.33 2.80 -0.89
C19 8BY D . -20.34 3.81 -1.15
C1 8BY D . -16.51 -0.71 -6.92
C2 8BY D . -16.83 -0.90 -5.47
C3 8BY D . -18.11 -1.68 -5.24
O4 8BY D . -15.72 -1.68 -4.91
C5 8BY D . -15.39 -1.68 -3.58
C10 8BY D . -14.91 -1.23 1.43
C11 8BY D . -16.00 -0.45 1.09
C12 8BY D . -16.39 -0.26 -0.23
C14 8BY D . -17.23 1.77 -1.45
C15 8BY D . -18.15 2.80 -1.64
C17 8BY D . -19.56 1.80 0.04
N20 8BY D . -21.13 4.59 -1.38
C22 8BY D . -14.26 -2.44 -3.22
C23 8BY D . -13.34 -3.13 -4.19
O24 8BY D . -12.56 -4.00 -3.77
N25 8BY D . -13.45 -2.88 -5.48
HC6 8BY D . -16.99 -0.43 -2.89
HC9 8BY D . -13.31 -2.44 0.74
HC21 8BY D . -13.00 -3.03 -1.54
HC18 8BY D . -18.83 0.01 0.95
HC1B 8BY D . -15.93 0.19 -7.10
HC1A 8BY D . -17.43 -0.62 -7.53
HC1C 8BY D . -15.92 -1.53 -7.34
HC2 8BY D . -16.91 0.09 -5.02
HC3C 8BY D . -18.12 -2.63 -5.76
HC3B 8BY D . -18.98 -1.12 -5.60
HC3A 8BY D . -18.29 -1.89 -4.19
HC10 8BY D . -14.64 -1.34 2.48
HC11 8BY D . -16.57 0.04 1.90
HC14 8BY D . -16.32 1.78 -2.05
HC15 8BY D . -17.96 3.57 -2.37
HC17 8BY D . -20.49 1.80 0.61
H25B 8BY D . -12.82 -3.33 -6.14
H25A 8BY D . -14.12 -2.24 -5.92
#